data_5X1O
#
_entry.id   5X1O
#
_cell.length_a   34.616
_cell.length_b   67.346
_cell.length_c   122.196
_cell.angle_alpha   90.00
_cell.angle_beta   90.00
_cell.angle_gamma   90.00
#
_symmetry.space_group_name_H-M   'P 21 21 21'
#
loop_
_entity.id
_entity.type
_entity.pdbx_description
1 polymer 'Fibroblast growth factor 2'
2 non-polymer D-MYO-INOSITOL-1,4,5-TRIPHOSPHATE
3 water water
#
_entity_poly.entity_id   1
_entity_poly.type   'polypeptide(L)'
_entity_poly.pdbx_seq_one_letter_code
;PALPEDGGSGAFPPGHFKDPKRLYCKNGGFFLRIHPDGRVDGVREKSDPHIKLQLQAEERGVVSIKGVCANRYLAMKEDG
RLLASKCVTDECFFFERLESNNYNTYRSRKYTSWYVALKRTGQYKLGSKTGPGQKAILFLPMSAKS
;
_entity_poly.pdbx_strand_id   A,B
#
# COMPACT_ATOMS: atom_id res chain seq x y z
N LYS A 18 -14.47 11.40 -1.23
CA LYS A 18 -14.93 10.03 -1.39
C LYS A 18 -13.92 9.15 -2.13
N ASP A 19 -13.55 9.56 -3.34
CA ASP A 19 -12.49 8.88 -4.07
C ASP A 19 -11.16 9.11 -3.39
N PRO A 20 -10.17 8.26 -3.67
CA PRO A 20 -8.82 8.54 -3.18
C PRO A 20 -8.27 9.80 -3.83
N LYS A 21 -7.23 10.35 -3.21
CA LYS A 21 -6.62 11.61 -3.61
C LYS A 21 -5.11 11.52 -3.45
N ARG A 22 -4.43 12.39 -4.18
CA ARG A 22 -3.07 12.78 -3.85
C ARG A 22 -3.07 14.27 -3.58
N LEU A 23 -2.33 14.67 -2.53
CA LEU A 23 -2.19 16.07 -2.15
C LEU A 23 -0.84 16.55 -2.66
N TYR A 24 -0.86 17.41 -3.67
CA TYR A 24 0.34 17.91 -4.32
C TYR A 24 0.77 19.20 -3.66
N CYS A 25 1.96 19.21 -3.06
CA CYS A 25 2.40 20.39 -2.32
C CYS A 25 2.98 21.38 -3.29
N LYS A 26 2.49 22.62 -3.23
CA LYS A 26 2.96 23.63 -4.18
C LYS A 26 4.41 24.02 -3.92
N ASN A 27 4.96 23.66 -2.78
CA ASN A 27 6.32 24.03 -2.40
C ASN A 27 7.27 22.96 -2.95
N GLY A 28 7.49 23.05 -4.26
CA GLY A 28 8.35 22.13 -5.00
C GLY A 28 7.63 20.97 -5.66
N GLY A 29 6.31 20.89 -5.54
CA GLY A 29 5.58 19.85 -6.25
C GLY A 29 5.77 18.43 -5.75
N PHE A 30 5.80 18.23 -4.43
CA PHE A 30 5.90 16.90 -3.86
C PHE A 30 4.53 16.40 -3.45
N PHE A 31 4.24 15.14 -3.76
CA PHE A 31 3.04 14.49 -3.25
C PHE A 31 3.27 14.03 -1.81
N LEU A 32 2.31 14.35 -0.95
CA LEU A 32 2.45 13.98 0.45
C LEU A 32 2.37 12.47 0.55
N ARG A 33 3.35 11.86 1.21
CA ARG A 33 3.49 10.41 1.25
C ARG A 33 3.43 9.89 2.68
N ILE A 34 2.68 8.83 2.88
CA ILE A 34 2.57 8.18 4.18
C ILE A 34 3.03 6.74 4.04
N HIS A 35 4.12 6.42 4.72
CA HIS A 35 4.76 5.11 4.66
C HIS A 35 4.07 4.10 5.58
N PRO A 36 4.21 2.80 5.28
CA PRO A 36 3.64 1.74 6.16
C PRO A 36 4.02 1.86 7.63
N ASP A 37 5.23 2.34 7.96
CA ASP A 37 5.66 2.48 9.34
C ASP A 37 5.23 3.81 9.98
N GLY A 38 4.54 4.68 9.24
CA GLY A 38 4.07 5.92 9.81
C GLY A 38 4.92 7.13 9.48
N ARG A 39 6.09 6.94 8.89
CA ARG A 39 6.87 8.08 8.44
C ARG A 39 6.12 8.88 7.39
N VAL A 40 6.29 10.20 7.41
CA VAL A 40 5.60 11.10 6.50
C VAL A 40 6.64 11.91 5.74
N ASP A 41 6.44 12.05 4.44
CA ASP A 41 7.38 12.82 3.64
C ASP A 41 6.67 13.15 2.32
N GLY A 42 7.42 13.68 1.37
CA GLY A 42 6.88 14.00 0.07
C GLY A 42 7.78 13.50 -1.03
N VAL A 43 7.16 13.09 -2.13
CA VAL A 43 7.89 12.62 -3.28
C VAL A 43 7.23 13.14 -4.54
N ARG A 44 8.02 13.21 -5.59
CA ARG A 44 7.52 13.70 -6.86
C ARG A 44 6.92 12.61 -7.73
N GLU A 45 7.27 11.35 -7.50
CA GLU A 45 6.81 10.26 -8.37
C GLU A 45 5.34 9.99 -8.12
N LYS A 46 4.52 10.31 -9.14
CA LYS A 46 3.07 10.12 -9.05
C LYS A 46 2.67 8.65 -8.97
N SER A 47 3.47 7.73 -9.51
CA SER A 47 3.13 6.32 -9.44
C SER A 47 3.41 5.69 -8.08
N ASP A 48 4.02 6.43 -7.15
CA ASP A 48 4.31 5.96 -5.79
C ASP A 48 3.04 5.46 -5.13
N PRO A 49 2.97 4.19 -4.69
CA PRO A 49 1.71 3.68 -4.11
C PRO A 49 1.32 4.35 -2.80
N HIS A 50 2.26 4.99 -2.10
CA HIS A 50 2.00 5.49 -0.77
C HIS A 50 1.63 6.97 -0.76
N ILE A 51 1.37 7.55 -1.93
CA ILE A 51 0.80 8.89 -1.99
C ILE A 51 -0.69 8.85 -2.26
N LYS A 52 -1.29 7.65 -2.31
CA LYS A 52 -2.73 7.52 -2.47
C LYS A 52 -3.40 7.68 -1.10
N LEU A 53 -4.10 8.78 -0.90
CA LEU A 53 -4.70 9.13 0.38
C LEU A 53 -6.24 9.12 0.29
N GLN A 54 -6.88 8.92 1.42
CA GLN A 54 -8.33 8.99 1.50
C GLN A 54 -8.71 10.02 2.57
N LEU A 55 -9.40 11.05 2.13
CA LEU A 55 -9.84 12.13 3.00
C LEU A 55 -11.28 11.85 3.41
N GLN A 56 -11.57 11.99 4.69
CA GLN A 56 -12.87 11.68 5.24
C GLN A 56 -13.38 12.88 6.02
N ALA A 57 -14.60 13.29 5.72
CA ALA A 57 -15.22 14.38 6.47
C ALA A 57 -15.59 13.90 7.86
N GLU A 58 -15.31 14.72 8.87
CA GLU A 58 -15.73 14.42 10.24
C GLU A 58 -16.78 15.42 10.70
N GLU A 59 -16.43 16.68 10.89
CA GLU A 59 -17.43 17.74 10.96
C GLU A 59 -17.38 18.52 9.67
N ARG A 60 -18.06 19.67 9.64
CA ARG A 60 -17.99 20.54 8.47
C ARG A 60 -16.62 21.17 8.38
N GLY A 61 -15.91 20.93 7.28
CA GLY A 61 -14.59 21.50 7.10
C GLY A 61 -13.51 20.87 7.94
N VAL A 62 -13.75 19.69 8.52
CA VAL A 62 -12.75 18.93 9.25
C VAL A 62 -12.54 17.62 8.52
N VAL A 63 -11.28 17.21 8.37
CA VAL A 63 -10.98 15.97 7.67
C VAL A 63 -9.92 15.21 8.45
N SER A 64 -9.90 13.90 8.24
CA SER A 64 -8.75 13.06 8.53
C SER A 64 -8.08 12.69 7.21
N ILE A 65 -6.78 12.39 7.26
CA ILE A 65 -6.00 12.05 6.07
C ILE A 65 -5.34 10.69 6.27
N LYS A 66 -5.83 9.70 5.53
CA LYS A 66 -5.42 8.30 5.62
C LYS A 66 -4.61 7.88 4.41
N GLY A 67 -3.41 7.36 4.67
CA GLY A 67 -2.64 6.70 3.64
C GLY A 67 -3.33 5.39 3.31
N VAL A 68 -3.73 5.20 2.05
CA VAL A 68 -4.49 3.98 1.75
C VAL A 68 -3.60 2.76 1.92
N CYS A 69 -2.38 2.81 1.39
CA CYS A 69 -1.49 1.66 1.47
C CYS A 69 -0.99 1.43 2.88
N ALA A 70 -0.63 2.49 3.60
CA ALA A 70 -0.15 2.34 4.96
C ALA A 70 -1.29 1.96 5.89
N ASN A 71 -2.53 2.28 5.52
CA ASN A 71 -3.68 2.12 6.40
C ASN A 71 -3.41 2.79 7.74
N ARG A 72 -2.96 4.07 7.67
CA ARG A 72 -2.71 4.85 8.87
C ARG A 72 -3.11 6.29 8.64
N TYR A 73 -3.46 6.96 9.73
CA TYR A 73 -3.99 8.31 9.72
C TYR A 73 -2.90 9.34 10.06
N LEU A 74 -2.75 10.33 9.20
CA LEU A 74 -1.77 11.37 9.51
C LEU A 74 -2.08 12.02 10.85
N ALA A 75 -1.08 12.11 11.71
CA ALA A 75 -1.24 12.75 13.01
C ALA A 75 -0.20 13.83 13.21
N MET A 76 -0.67 14.96 13.73
CA MET A 76 0.18 16.04 14.18
C MET A 76 0.47 15.76 15.65
N LYS A 77 1.76 15.69 15.99
CA LYS A 77 2.17 15.34 17.34
C LYS A 77 2.34 16.62 18.16
N GLU A 78 2.49 16.43 19.47
CA GLU A 78 2.51 17.57 20.37
C GLU A 78 3.78 18.40 20.23
N ASP A 79 4.82 17.84 19.62
CA ASP A 79 6.03 18.59 19.33
C ASP A 79 6.10 19.09 17.89
N GLY A 80 5.00 19.02 17.15
CA GLY A 80 4.95 19.44 15.76
C GLY A 80 5.44 18.42 14.76
N ARG A 81 5.81 17.23 15.22
CA ARG A 81 6.18 16.16 14.30
C ARG A 81 4.94 15.61 13.63
N LEU A 82 5.15 14.96 12.49
CA LEU A 82 4.11 14.21 11.80
C LEU A 82 4.37 12.72 11.96
N LEU A 83 3.34 11.96 12.29
CA LEU A 83 3.46 10.51 12.34
C LEU A 83 2.07 9.93 12.06
N ALA A 84 1.97 8.98 11.12
CA ALA A 84 0.67 8.41 10.83
C ALA A 84 0.34 7.32 11.83
N SER A 85 -0.86 7.39 12.39
CA SER A 85 -1.37 6.50 13.43
C SER A 85 -2.21 5.36 12.85
N LYS A 86 -1.98 4.13 13.33
CA LYS A 86 -2.87 3.02 12.97
C LYS A 86 -4.30 3.25 13.46
N CYS A 87 -4.46 3.84 14.64
CA CYS A 87 -5.79 4.17 15.13
C CYS A 87 -6.01 5.67 15.10
N VAL A 88 -7.25 6.06 14.84
CA VAL A 88 -7.57 7.48 14.83
C VAL A 88 -7.47 8.02 16.25
N THR A 89 -6.97 9.23 16.38
CA THR A 89 -7.01 9.95 17.64
C THR A 89 -7.36 11.39 17.33
N ASP A 90 -7.48 12.20 18.38
CA ASP A 90 -7.75 13.61 18.15
C ASP A 90 -6.60 14.30 17.44
N GLU A 91 -5.42 13.68 17.37
CA GLU A 91 -4.30 14.26 16.63
C GLU A 91 -4.46 14.11 15.13
N CYS A 92 -5.51 13.42 14.68
CA CYS A 92 -5.69 13.04 13.29
C CYS A 92 -6.70 13.91 12.56
N PHE A 93 -7.15 15.01 13.17
CA PHE A 93 -8.17 15.84 12.55
C PHE A 93 -7.63 17.22 12.21
N PHE A 94 -7.97 17.69 11.02
CA PHE A 94 -7.44 18.94 10.51
C PHE A 94 -8.54 19.76 9.87
N PHE A 95 -8.45 21.07 10.03
CA PHE A 95 -9.33 21.96 9.31
C PHE A 95 -8.85 22.13 7.88
N GLU A 96 -9.74 21.88 6.92
CA GLU A 96 -9.47 22.07 5.51
C GLU A 96 -10.02 23.45 5.10
N ARG A 97 -9.14 24.40 4.83
CA ARG A 97 -9.52 25.73 4.35
C ARG A 97 -9.19 25.84 2.88
N LEU A 98 -10.17 26.23 2.04
CA LEU A 98 -9.90 26.31 0.61
C LEU A 98 -9.20 27.62 0.30
N GLU A 99 -8.25 27.56 -0.62
CA GLU A 99 -7.44 28.74 -0.93
C GLU A 99 -7.36 28.97 -2.43
N SER A 100 -6.56 29.96 -2.83
CA SER A 100 -6.39 30.34 -4.22
C SER A 100 -6.11 29.16 -5.14
N ASN A 101 -6.65 29.21 -6.36
CA ASN A 101 -6.50 28.20 -7.39
C ASN A 101 -6.56 26.74 -6.96
N ASN A 102 -7.63 26.40 -6.27
CA ASN A 102 -7.90 25.05 -5.82
C ASN A 102 -6.89 24.41 -4.89
N TYR A 103 -6.28 25.19 -4.03
CA TYR A 103 -5.32 24.66 -3.12
C TYR A 103 -5.88 24.70 -1.71
N ASN A 104 -5.67 23.60 -1.01
CA ASN A 104 -6.14 23.42 0.35
C ASN A 104 -5.01 23.55 1.37
N THR A 105 -5.39 23.98 2.58
CA THR A 105 -4.52 23.95 3.74
C THR A 105 -5.16 23.08 4.81
N TYR A 106 -4.32 22.44 5.62
CA TYR A 106 -4.78 21.51 6.63
C TYR A 106 -4.14 21.87 7.97
N ARG A 107 -4.96 22.32 8.91
CA ARG A 107 -4.49 22.88 10.18
C ARG A 107 -4.92 21.96 11.32
N SER A 108 -3.97 21.59 12.18
CA SER A 108 -4.26 20.66 13.27
C SER A 108 -5.41 21.18 14.14
N ARG A 109 -6.43 20.32 14.33
CA ARG A 109 -7.50 20.66 15.26
C ARG A 109 -7.01 20.66 16.70
N LYS A 110 -6.02 19.82 17.00
CA LYS A 110 -5.52 19.72 18.37
C LYS A 110 -4.49 20.81 18.68
N TYR A 111 -3.60 21.12 17.73
CA TYR A 111 -2.56 22.13 17.91
C TYR A 111 -2.83 23.20 16.87
N THR A 112 -3.63 24.20 17.27
CA THR A 112 -4.37 25.00 16.30
C THR A 112 -3.52 26.01 15.53
N SER A 113 -2.24 26.18 15.86
CA SER A 113 -1.39 27.03 15.03
C SER A 113 -0.59 26.27 14.00
N TRP A 114 -0.72 24.95 13.92
CA TRP A 114 0.19 24.14 13.14
C TRP A 114 -0.48 23.51 11.93
N TYR A 115 0.26 23.49 10.81
CA TYR A 115 -0.23 22.98 9.53
C TYR A 115 0.58 21.77 9.08
N VAL A 116 -0.12 20.91 8.32
CA VAL A 116 0.56 19.92 7.49
C VAL A 116 1.36 20.65 6.44
N ALA A 117 2.63 20.28 6.27
CA ALA A 117 3.49 21.06 5.38
C ALA A 117 4.66 20.22 4.93
N LEU A 118 5.18 20.53 3.75
CA LEU A 118 6.41 19.90 3.28
C LEU A 118 7.45 20.95 2.92
N LYS A 119 8.71 20.64 3.21
CA LYS A 119 9.80 21.49 2.76
C LYS A 119 10.03 21.32 1.27
N ARG A 120 10.72 22.30 0.69
CA ARG A 120 11.15 22.25 -0.70
C ARG A 120 12.02 21.03 -1.02
N THR A 121 12.59 20.37 -0.01
CA THR A 121 13.35 19.15 -0.21
C THR A 121 12.48 17.90 -0.27
N GLY A 122 11.23 17.96 0.17
CA GLY A 122 10.42 16.78 0.35
C GLY A 122 10.42 16.21 1.75
N GLN A 123 11.35 16.64 2.61
CA GLN A 123 11.20 16.40 4.03
C GLN A 123 10.02 17.22 4.53
N TYR A 124 9.21 16.64 5.41
CA TYR A 124 8.08 17.42 5.88
C TYR A 124 8.57 18.49 6.84
N LYS A 125 7.82 19.58 6.91
CA LYS A 125 8.15 20.72 7.75
C LYS A 125 7.46 20.62 9.11
N LEU A 126 8.22 20.81 10.18
CA LEU A 126 7.64 20.69 11.51
C LEU A 126 6.54 21.72 11.72
N GLY A 127 5.48 21.33 12.43
CA GLY A 127 4.33 22.21 12.59
C GLY A 127 4.69 23.55 13.22
N SER A 128 5.63 23.54 14.17
CA SER A 128 6.07 24.76 14.85
C SER A 128 6.54 25.82 13.87
N LYS A 129 7.10 25.40 12.74
CA LYS A 129 7.66 26.35 11.80
C LYS A 129 6.70 26.70 10.66
N THR A 130 5.46 26.24 10.71
CA THR A 130 4.51 26.53 9.65
C THR A 130 3.68 27.77 10.00
N GLY A 131 2.95 28.27 9.02
CA GLY A 131 2.14 29.45 9.20
C GLY A 131 1.35 29.75 7.95
N PRO A 132 0.33 30.61 8.08
CA PRO A 132 -0.44 31.02 6.90
C PRO A 132 0.45 31.66 5.85
N GLY A 133 0.05 31.52 4.60
CA GLY A 133 0.76 32.16 3.51
C GLY A 133 2.02 31.46 3.05
N GLN A 134 2.48 30.42 3.76
CA GLN A 134 3.66 29.69 3.32
C GLN A 134 3.33 28.83 2.11
N LYS A 135 4.30 28.69 1.20
CA LYS A 135 4.11 27.74 0.11
C LYS A 135 4.02 26.33 0.67
N ALA A 136 4.66 26.11 1.80
CA ALA A 136 4.81 24.78 2.36
C ALA A 136 3.48 24.15 2.73
N ILE A 137 2.48 24.97 3.10
CA ILE A 137 1.23 24.43 3.62
C ILE A 137 0.16 24.26 2.56
N LEU A 138 0.40 24.66 1.33
CA LEU A 138 -0.60 24.61 0.29
C LEU A 138 -0.51 23.30 -0.45
N PHE A 139 -1.61 22.54 -0.46
CA PHE A 139 -1.69 21.27 -1.15
C PHE A 139 -2.90 21.29 -2.08
N LEU A 140 -2.69 20.80 -3.31
CA LEU A 140 -3.78 20.65 -4.28
C LEU A 140 -4.22 19.19 -4.33
N PRO A 141 -5.45 18.87 -3.93
CA PRO A 141 -5.96 17.52 -4.17
C PRO A 141 -5.98 17.17 -5.65
N MET A 142 -5.59 15.94 -5.97
CA MET A 142 -5.63 15.45 -7.34
C MET A 142 -6.19 14.03 -7.35
N SER A 143 -6.59 13.58 -8.53
CA SER A 143 -7.16 12.25 -8.68
C SER A 143 -6.08 11.18 -8.48
N ALA A 144 -6.53 9.94 -8.35
CA ALA A 144 -5.63 8.81 -8.10
C ALA A 144 -5.70 7.72 -9.19
N LYS B 18 -0.34 -6.78 -17.19
CA LYS B 18 -0.55 -5.37 -17.50
C LYS B 18 -1.06 -4.62 -16.28
N ASP B 19 -2.35 -4.83 -15.99
CA ASP B 19 -3.04 -4.19 -14.88
C ASP B 19 -2.79 -4.95 -13.58
N PRO B 20 -3.04 -4.32 -12.44
CA PRO B 20 -2.97 -5.06 -11.18
C PRO B 20 -4.05 -6.13 -11.11
N LYS B 21 -3.80 -7.10 -10.25
CA LYS B 21 -4.67 -8.27 -10.11
C LYS B 21 -4.69 -8.69 -8.65
N ARG B 22 -5.72 -9.47 -8.32
CA ARG B 22 -5.75 -10.26 -7.10
C ARG B 22 -5.79 -11.73 -7.47
N LEU B 23 -5.08 -12.53 -6.70
CA LEU B 23 -5.04 -13.97 -6.87
C LEU B 23 -6.05 -14.53 -5.87
N TYR B 24 -7.18 -15.01 -6.38
CA TYR B 24 -8.24 -15.53 -5.55
C TYR B 24 -8.03 -17.04 -5.43
N CYS B 25 -7.74 -17.50 -4.21
CA CYS B 25 -7.40 -18.90 -3.96
C CYS B 25 -8.66 -19.75 -3.80
N LYS B 26 -8.71 -20.86 -4.52
CA LYS B 26 -9.88 -21.75 -4.48
C LYS B 26 -10.00 -22.46 -3.13
N ASN B 27 -8.93 -22.49 -2.32
CA ASN B 27 -8.94 -23.25 -1.07
C ASN B 27 -9.49 -22.37 0.04
N GLY B 28 -10.81 -22.19 0.03
CA GLY B 28 -11.47 -21.39 1.03
C GLY B 28 -11.73 -19.96 0.64
N GLY B 29 -11.40 -19.57 -0.58
CA GLY B 29 -11.71 -18.22 -1.05
C GLY B 29 -10.91 -17.11 -0.41
N PHE B 30 -9.62 -17.28 -0.25
CA PHE B 30 -8.78 -16.21 0.27
C PHE B 30 -8.02 -15.53 -0.86
N PHE B 31 -7.98 -14.19 -0.81
CA PHE B 31 -7.12 -13.42 -1.68
C PHE B 31 -5.70 -13.40 -1.12
N LEU B 32 -4.70 -13.62 -1.98
CA LEU B 32 -3.32 -13.64 -1.51
C LEU B 32 -2.85 -12.23 -1.15
N ARG B 33 -2.28 -12.10 0.04
CA ARG B 33 -1.93 -10.80 0.63
C ARG B 33 -0.44 -10.71 0.92
N ILE B 34 0.14 -9.56 0.55
CA ILE B 34 1.55 -9.29 0.82
C ILE B 34 1.62 -8.04 1.69
N HIS B 35 2.09 -8.22 2.91
CA HIS B 35 2.21 -7.16 3.91
C HIS B 35 3.47 -6.33 3.69
N PRO B 36 3.46 -5.07 4.13
CA PRO B 36 4.67 -4.22 4.03
C PRO B 36 5.91 -4.82 4.66
N ASP B 37 5.78 -5.56 5.77
CA ASP B 37 6.96 -6.15 6.40
C ASP B 37 7.38 -7.45 5.74
N GLY B 38 6.67 -7.88 4.70
CA GLY B 38 7.03 -9.07 3.95
C GLY B 38 6.23 -10.31 4.28
N ARG B 39 5.40 -10.28 5.32
CA ARG B 39 4.53 -11.43 5.59
C ARG B 39 3.58 -11.69 4.44
N VAL B 40 3.25 -12.96 4.24
CA VAL B 40 2.31 -13.40 3.22
C VAL B 40 1.20 -14.21 3.88
N ASP B 41 -0.03 -13.98 3.46
CA ASP B 41 -1.18 -14.68 4.01
C ASP B 41 -2.37 -14.47 3.08
N GLY B 42 -3.55 -14.87 3.53
CA GLY B 42 -4.75 -14.71 2.74
C GLY B 42 -5.83 -14.02 3.55
N VAL B 43 -6.63 -13.21 2.87
CA VAL B 43 -7.75 -12.55 3.51
C VAL B 43 -8.92 -12.52 2.53
N ARG B 44 -10.14 -12.51 3.08
CA ARG B 44 -11.32 -12.53 2.22
C ARG B 44 -11.79 -11.15 1.81
N GLU B 45 -11.41 -10.10 2.52
CA GLU B 45 -11.90 -8.76 2.24
C GLU B 45 -11.32 -8.22 0.92
N LYS B 46 -12.19 -7.96 -0.06
CA LYS B 46 -11.72 -7.48 -1.36
C LYS B 46 -11.00 -6.15 -1.22
N SER B 47 -11.49 -5.30 -0.30
CA SER B 47 -11.05 -3.93 -0.20
C SER B 47 -9.71 -3.79 0.48
N ASP B 48 -9.15 -4.90 0.97
CA ASP B 48 -7.84 -4.89 1.61
C ASP B 48 -6.84 -4.30 0.63
N PRO B 49 -6.14 -3.22 0.99
CA PRO B 49 -5.20 -2.63 0.04
C PRO B 49 -4.05 -3.54 -0.34
N HIS B 50 -3.75 -4.58 0.46
CA HIS B 50 -2.54 -5.36 0.26
C HIS B 50 -2.77 -6.64 -0.53
N ILE B 51 -3.94 -6.79 -1.16
CA ILE B 51 -4.19 -7.86 -2.09
C ILE B 51 -4.08 -7.38 -3.54
N LYS B 52 -3.68 -6.13 -3.74
CA LYS B 52 -3.42 -5.62 -5.09
C LYS B 52 -2.03 -6.08 -5.47
N LEU B 53 -1.96 -7.02 -6.41
CA LEU B 53 -0.71 -7.60 -6.85
C LEU B 53 -0.40 -7.16 -8.27
N GLN B 54 0.87 -7.18 -8.61
CA GLN B 54 1.28 -6.91 -9.97
C GLN B 54 2.06 -8.12 -10.45
N LEU B 55 1.53 -8.78 -11.48
CA LEU B 55 2.20 -9.92 -12.08
C LEU B 55 2.98 -9.43 -13.28
N GLN B 56 4.24 -9.84 -13.36
CA GLN B 56 5.15 -9.37 -14.38
C GLN B 56 5.77 -10.58 -15.04
N ALA B 57 5.67 -10.67 -16.36
CA ALA B 57 6.27 -11.79 -17.06
C ALA B 57 7.78 -11.65 -17.09
N GLU B 58 8.49 -12.73 -16.77
CA GLU B 58 9.93 -12.72 -17.01
C GLU B 58 10.24 -13.47 -18.29
N GLU B 59 10.08 -14.79 -18.30
CA GLU B 59 10.09 -15.56 -19.53
C GLU B 59 8.67 -16.02 -19.83
N ARG B 60 8.50 -16.69 -20.96
CA ARG B 60 7.16 -17.12 -21.34
C ARG B 60 6.66 -18.13 -20.33
N GLY B 61 5.51 -17.84 -19.73
CA GLY B 61 5.00 -18.66 -18.65
C GLY B 61 5.75 -18.54 -17.34
N VAL B 62 6.58 -17.51 -17.17
CA VAL B 62 7.27 -17.22 -15.91
C VAL B 62 6.85 -15.83 -15.44
N VAL B 63 6.57 -15.70 -14.12
CA VAL B 63 6.15 -14.43 -13.56
C VAL B 63 6.86 -14.18 -12.23
N SER B 64 6.96 -12.90 -11.89
CA SER B 64 7.15 -12.44 -10.52
C SER B 64 5.80 -11.91 -10.02
N ILE B 65 5.62 -11.92 -8.71
CA ILE B 65 4.36 -11.49 -8.10
C ILE B 65 4.69 -10.37 -7.11
N LYS B 66 4.31 -9.14 -7.43
CA LYS B 66 4.65 -7.97 -6.62
C LYS B 66 3.45 -7.46 -5.86
N GLY B 67 3.59 -7.33 -4.54
CA GLY B 67 2.61 -6.60 -3.75
C GLY B 67 2.70 -5.13 -4.09
N VAL B 68 1.60 -4.53 -4.58
CA VAL B 68 1.66 -3.15 -5.05
C VAL B 68 1.89 -2.19 -3.90
N CYS B 69 1.09 -2.31 -2.83
CA CYS B 69 1.23 -1.41 -1.69
C CYS B 69 2.52 -1.70 -0.93
N ALA B 70 2.84 -2.98 -0.75
CA ALA B 70 4.05 -3.34 -0.01
C ALA B 70 5.30 -3.00 -0.80
N ASN B 71 5.19 -2.91 -2.12
CA ASN B 71 6.33 -2.77 -3.00
C ASN B 71 7.38 -3.85 -2.71
N ARG B 72 6.93 -5.11 -2.67
CA ARG B 72 7.82 -6.24 -2.47
C ARG B 72 7.39 -7.41 -3.35
N TYR B 73 8.37 -8.24 -3.71
CA TYR B 73 8.17 -9.37 -4.60
C TYR B 73 7.96 -10.65 -3.80
N LEU B 74 6.89 -11.37 -4.11
CA LEU B 74 6.72 -12.66 -3.46
C LEU B 74 7.93 -13.55 -3.77
N ALA B 75 8.53 -14.13 -2.72
CA ALA B 75 9.66 -15.04 -2.83
C ALA B 75 9.35 -16.33 -2.09
N MET B 76 9.72 -17.44 -2.72
CA MET B 76 9.74 -18.77 -2.10
C MET B 76 11.12 -19.02 -1.49
N LYS B 77 11.18 -19.35 -0.20
CA LYS B 77 12.46 -19.57 0.49
C LYS B 77 12.87 -21.05 0.44
N GLU B 78 14.12 -21.32 0.84
CA GLU B 78 14.67 -22.66 0.64
C GLU B 78 14.05 -23.68 1.57
N ASP B 79 13.43 -23.25 2.68
CA ASP B 79 12.75 -24.15 3.57
C ASP B 79 11.25 -24.21 3.31
N GLY B 80 10.80 -23.67 2.19
CA GLY B 80 9.38 -23.67 1.87
C GLY B 80 8.61 -22.53 2.48
N ARG B 81 9.27 -21.63 3.22
CA ARG B 81 8.57 -20.43 3.68
C ARG B 81 8.34 -19.47 2.52
N LEU B 82 7.32 -18.60 2.69
CA LEU B 82 7.06 -17.48 1.76
C LEU B 82 7.40 -16.16 2.44
N LEU B 83 8.12 -15.29 1.73
CA LEU B 83 8.39 -13.97 2.28
C LEU B 83 8.61 -13.00 1.13
N ALA B 84 7.99 -11.82 1.22
CA ALA B 84 8.07 -10.84 0.14
C ALA B 84 9.38 -10.06 0.20
N SER B 85 10.06 -9.99 -0.94
CA SER B 85 11.37 -9.36 -1.07
C SER B 85 11.25 -7.93 -1.57
N LYS B 86 11.96 -7.00 -0.90
CA LYS B 86 12.11 -5.64 -1.42
C LYS B 86 12.86 -5.65 -2.74
N CYS B 87 13.85 -6.52 -2.86
CA CYS B 87 14.64 -6.66 -4.08
C CYS B 87 14.29 -7.97 -4.77
N VAL B 88 14.26 -7.94 -6.09
CA VAL B 88 13.98 -9.17 -6.82
C VAL B 88 15.20 -10.09 -6.72
N THR B 89 14.95 -11.38 -6.53
CA THR B 89 15.99 -12.40 -6.55
C THR B 89 15.47 -13.60 -7.33
N ASP B 90 16.33 -14.62 -7.49
CA ASP B 90 15.91 -15.82 -8.22
C ASP B 90 14.80 -16.58 -7.50
N GLU B 91 14.54 -16.27 -6.23
CA GLU B 91 13.43 -16.88 -5.52
C GLU B 91 12.09 -16.24 -5.86
N CYS B 92 12.08 -15.21 -6.69
CA CYS B 92 10.87 -14.45 -6.94
C CYS B 92 10.20 -14.82 -8.25
N PHE B 93 10.67 -15.88 -8.93
CA PHE B 93 10.11 -16.23 -10.22
C PHE B 93 9.39 -17.57 -10.12
N PHE B 94 8.22 -17.63 -10.75
CA PHE B 94 7.34 -18.78 -10.68
C PHE B 94 6.79 -19.10 -12.06
N PHE B 95 6.64 -20.39 -12.35
CA PHE B 95 5.93 -20.79 -13.56
C PHE B 95 4.43 -20.64 -13.35
N GLU B 96 3.79 -19.87 -14.23
CA GLU B 96 2.35 -19.69 -14.22
C GLU B 96 1.75 -20.70 -15.20
N ARG B 97 0.94 -21.62 -14.69
CA ARG B 97 0.33 -22.69 -15.48
C ARG B 97 -1.16 -22.68 -15.25
N LEU B 98 -1.92 -22.77 -16.33
CA LEU B 98 -3.37 -22.87 -16.19
C LEU B 98 -3.73 -24.34 -16.10
N GLU B 99 -4.58 -24.65 -15.13
CA GLU B 99 -5.07 -25.99 -14.89
C GLU B 99 -6.55 -25.83 -14.58
N SER B 100 -7.17 -26.92 -14.17
CA SER B 100 -8.55 -26.89 -13.64
C SER B 100 -9.44 -26.04 -14.55
N ASN B 101 -10.23 -25.13 -14.01
CA ASN B 101 -11.26 -24.35 -14.70
C ASN B 101 -10.96 -22.88 -14.44
N ASN B 102 -9.99 -22.32 -15.17
CA ASN B 102 -9.56 -20.91 -15.14
C ASN B 102 -8.64 -20.57 -13.96
N TYR B 103 -8.29 -21.52 -13.11
CA TYR B 103 -7.42 -21.28 -11.97
C TYR B 103 -5.97 -21.63 -12.32
N ASN B 104 -5.02 -20.80 -11.91
CA ASN B 104 -3.61 -21.00 -12.19
C ASN B 104 -2.86 -21.53 -10.98
N THR B 105 -1.72 -22.15 -11.25
CA THR B 105 -0.74 -22.51 -10.24
C THR B 105 0.53 -21.70 -10.45
N TYR B 106 1.25 -21.45 -9.37
CA TYR B 106 2.50 -20.69 -9.44
C TYR B 106 3.57 -21.54 -8.76
N ARG B 107 4.48 -22.08 -9.55
CA ARG B 107 5.44 -23.07 -9.10
C ARG B 107 6.81 -22.42 -9.12
N SER B 108 7.49 -22.49 -7.98
CA SER B 108 8.80 -21.87 -7.84
C SER B 108 9.78 -22.37 -8.89
N ARG B 109 10.42 -21.43 -9.59
CA ARG B 109 11.49 -21.80 -10.51
C ARG B 109 12.73 -22.30 -9.78
N LYS B 110 12.99 -21.79 -8.57
CA LYS B 110 14.19 -22.18 -7.83
C LYS B 110 14.01 -23.52 -7.12
N TYR B 111 12.87 -23.74 -6.51
CA TYR B 111 12.59 -24.97 -5.77
C TYR B 111 11.42 -25.59 -6.51
N THR B 112 11.75 -26.46 -7.49
CA THR B 112 10.84 -26.78 -8.59
C THR B 112 9.68 -27.69 -8.22
N SER B 113 9.66 -28.28 -7.02
CA SER B 113 8.49 -29.06 -6.59
C SER B 113 7.56 -28.29 -5.67
N TRP B 114 7.80 -27.00 -5.44
CA TRP B 114 7.06 -26.21 -4.46
C TRP B 114 6.17 -25.15 -5.13
N TYR B 115 4.94 -25.00 -4.61
CA TYR B 115 3.98 -24.05 -5.16
C TYR B 115 3.61 -22.98 -4.14
N VAL B 116 3.23 -21.80 -4.63
CA VAL B 116 2.53 -20.84 -3.80
C VAL B 116 1.18 -21.44 -3.41
N ALA B 117 0.83 -21.33 -2.13
CA ALA B 117 -0.37 -22.01 -1.66
C ALA B 117 -0.86 -21.35 -0.38
N LEU B 118 -2.19 -21.38 -0.20
CA LEU B 118 -2.84 -20.93 1.01
C LEU B 118 -3.72 -22.03 1.58
N LYS B 119 -3.67 -22.16 2.90
CA LYS B 119 -4.53 -23.06 3.62
C LYS B 119 -5.95 -22.53 3.69
N ARG B 120 -6.86 -23.44 4.01
CA ARG B 120 -8.27 -23.15 4.26
C ARG B 120 -8.46 -22.15 5.40
N THR B 121 -7.46 -21.98 6.26
CA THR B 121 -7.50 -20.97 7.31
C THR B 121 -7.08 -19.59 6.84
N GLY B 122 -6.41 -19.47 5.69
CA GLY B 122 -5.79 -18.22 5.29
C GLY B 122 -4.32 -18.07 5.68
N GLN B 123 -3.80 -18.91 6.56
CA GLN B 123 -2.35 -19.02 6.68
C GLN B 123 -1.79 -19.64 5.41
N TYR B 124 -0.64 -19.18 4.95
CA TYR B 124 -0.10 -19.80 3.74
C TYR B 124 0.51 -21.16 4.04
N LYS B 125 0.43 -22.06 3.07
CA LYS B 125 0.95 -23.42 3.24
C LYS B 125 2.39 -23.51 2.78
N LEU B 126 3.24 -24.15 3.58
CA LEU B 126 4.65 -24.25 3.24
C LEU B 126 4.82 -24.97 1.91
N GLY B 127 5.81 -24.53 1.13
CA GLY B 127 6.01 -25.14 -0.17
C GLY B 127 6.27 -26.63 -0.08
N SER B 128 7.00 -27.06 0.96
CA SER B 128 7.30 -28.48 1.15
C SER B 128 6.04 -29.34 1.20
N LYS B 129 4.93 -28.78 1.67
CA LYS B 129 3.67 -29.52 1.78
C LYS B 129 2.75 -29.36 0.57
N THR B 130 3.19 -28.69 -0.50
CA THR B 130 2.33 -28.53 -1.65
C THR B 130 2.56 -29.66 -2.67
N GLY B 131 1.67 -29.71 -3.64
CA GLY B 131 1.73 -30.69 -4.69
C GLY B 131 0.61 -30.45 -5.69
N PRO B 132 0.76 -30.98 -6.91
CA PRO B 132 -0.29 -30.78 -7.92
C PRO B 132 -1.62 -31.34 -7.45
N GLY B 133 -2.70 -30.72 -7.92
CA GLY B 133 -4.05 -31.15 -7.60
C GLY B 133 -4.63 -30.65 -6.30
N GLN B 134 -3.83 -30.00 -5.45
CA GLN B 134 -4.36 -29.43 -4.23
C GLN B 134 -5.18 -28.18 -4.53
N LYS B 135 -6.27 -27.98 -3.78
CA LYS B 135 -6.99 -26.71 -3.89
C LYS B 135 -6.10 -25.55 -3.43
N ALA B 136 -5.19 -25.82 -2.50
CA ALA B 136 -4.37 -24.77 -1.91
C ALA B 136 -3.54 -24.04 -2.94
N ILE B 137 -3.17 -24.71 -4.05
CA ILE B 137 -2.26 -24.11 -5.03
C ILE B 137 -3.00 -23.43 -6.18
N LEU B 138 -4.33 -23.48 -6.20
CA LEU B 138 -5.11 -22.95 -7.32
C LEU B 138 -5.58 -21.53 -7.03
N PHE B 139 -5.21 -20.61 -7.94
CA PHE B 139 -5.52 -19.20 -7.83
C PHE B 139 -6.15 -18.70 -9.12
N LEU B 140 -7.22 -17.92 -8.97
CA LEU B 140 -7.90 -17.28 -10.08
C LEU B 140 -7.48 -15.81 -10.13
N PRO B 141 -6.69 -15.38 -11.13
CA PRO B 141 -6.47 -13.95 -11.30
C PRO B 141 -7.79 -13.22 -11.50
N MET B 142 -7.92 -12.07 -10.84
CA MET B 142 -9.08 -11.21 -10.96
C MET B 142 -8.62 -9.77 -11.09
N SER B 143 -9.53 -8.90 -11.49
CA SER B 143 -9.23 -7.48 -11.63
C SER B 143 -9.04 -6.82 -10.26
N ALA B 144 -8.57 -5.58 -10.30
CA ALA B 144 -8.30 -4.82 -9.08
C ALA B 144 -9.20 -3.60 -9.03
#